data_4Y34
#
_entry.id   4Y34
#
_cell.length_a   74.620
_cell.length_b   74.620
_cell.length_c   288.430
_cell.angle_alpha   90.00
_cell.angle_beta   90.00
_cell.angle_gamma   90.00
#
_symmetry.space_group_name_H-M   'P 43 21 2'
#
loop_
_entity.id
_entity.type
_entity.pdbx_description
1 polymer '3D polymerase'
2 non-polymer "2,2'-[(4-fluorobenzene-1,2-diyl)bis(oxy)]bis(5-nitrobenzonitrile)"
3 non-polymer 'SULFATE ION'
4 non-polymer GLYCEROL
5 water water
#
_entity_poly.entity_id   1
_entity_poly.type   'polypeptide(L)'
_entity_poly.pdbx_seq_one_letter_code
;GEIEFIESSKDAGFPVINTPSKTKLEPSVFHQVFEGNKEPAVLRSGDPRLKANFEEAIFSKYIGNVNTHVDEYMLEAVDH
YAGQLATLDISTEPMKLEDAVYGTEGLEALDLTTSAGYPYVALGIKKRDILSKKTKDLTKLKECMDKYGLNLPMVTYVKD
ELRSIEKVAKGKSRLIEASSLNDSVAMRQTFGNLYKTFHLNPGVVTGSAVGCDPDLFWSKIPVMLDGHLIAFDYSGYDAS
LSPVWFACLKMILEKLGYTHKETNYIDYLCNSHHLYRDKHYFVRGGMPSGCSGTSIFNSMINNIIIRTLMLKVYKGIDLD
QFRMIAYGDDVIASYPWPIDASLLAEAGKGYGLIMTPADKGECFNEVTWTNVTFLKRYFRADEQYPFLVHPVMPMKDIHE
SIRWTKDPKNTQDHVRSLCLLAWHNGEHEYEEFIRKIRSVPVGRCLTLPAFSTLRRKWLDSFHHHHH
;
_entity_poly.pdbx_strand_id   A
#
loop_
_chem_comp.id
_chem_comp.type
_chem_comp.name
_chem_comp.formula
45Z non-polymer 2,2'-[(4-fluorobenzene-1,2-diyl)bis(oxy)]bis(5-nitrobenzonitrile) 'C20 H9 F N4 O6'
GOL non-polymer GLYCEROL 'C3 H8 O3'
SO4 non-polymer 'SULFATE ION' 'O4 S -2'
#
# COMPACT_ATOMS: atom_id res chain seq x y z
N GLY A 1 15.68 -0.18 7.84
CA GLY A 1 15.62 1.31 8.05
C GLY A 1 16.05 1.65 9.47
N GLU A 2 16.86 2.69 9.60
CA GLU A 2 17.42 3.08 10.89
C GLU A 2 17.42 4.59 11.00
N ILE A 3 16.91 5.08 12.12
CA ILE A 3 16.97 6.50 12.42
C ILE A 3 18.42 6.84 12.78
N GLU A 4 19.07 7.61 11.92
CA GLU A 4 20.47 7.95 12.08
C GLU A 4 20.65 9.12 13.10
N PHE A 5 19.93 10.22 12.89
CA PHE A 5 20.14 11.47 13.63
C PHE A 5 18.78 12.01 14.09
N ILE A 6 18.68 12.49 15.32
CA ILE A 6 17.41 13.12 15.77
C ILE A 6 17.67 14.40 16.60
N GLU A 7 16.92 15.48 16.34
CA GLU A 7 17.13 16.75 17.05
C GLU A 7 15.85 17.52 17.11
N SER A 8 15.84 18.62 17.87
CA SER A 8 14.69 19.53 17.89
C SER A 8 14.61 20.35 16.59
N SER A 9 13.42 20.50 16.02
CA SER A 9 13.23 21.38 14.86
C SER A 9 13.74 22.84 15.05
N LYS A 10 13.59 23.39 16.27
CA LYS A 10 13.95 24.79 16.45
C LYS A 10 15.44 25.09 16.18
N ASP A 11 16.29 24.11 16.45
CA ASP A 11 17.72 24.24 16.25
C ASP A 11 18.12 24.33 14.78
N ALA A 12 17.35 23.76 13.86
CA ALA A 12 17.70 23.91 12.44
C ALA A 12 16.80 24.97 11.79
N GLY A 13 15.94 25.60 12.62
CA GLY A 13 15.06 26.64 12.17
C GLY A 13 13.81 26.15 11.45
N PHE A 14 13.39 24.93 11.76
CA PHE A 14 12.12 24.45 11.23
C PHE A 14 10.97 24.78 12.16
N PRO A 15 9.86 25.28 11.62
CA PRO A 15 8.75 25.54 12.57
C PRO A 15 8.11 24.23 13.01
N VAL A 16 7.46 24.23 14.15
CA VAL A 16 6.77 23.06 14.61
C VAL A 16 5.68 22.77 13.61
N ILE A 17 5.52 21.51 13.15
CA ILE A 17 4.37 21.08 12.33
C ILE A 17 3.17 20.72 13.22
N ASN A 18 2.05 21.40 13.04
CA ASN A 18 0.90 21.22 13.93
CA ASN A 18 0.92 21.17 13.94
C ASN A 18 0.00 20.06 13.47
N THR A 19 0.38 18.82 13.74
CA THR A 19 -0.46 17.68 13.30
C THR A 19 -1.68 17.53 14.24
N PRO A 20 -2.74 16.81 13.78
CA PRO A 20 -3.95 16.73 14.63
C PRO A 20 -3.73 15.86 15.87
N SER A 21 -4.35 16.29 16.96
CA SER A 21 -4.16 15.68 18.27
C SER A 21 -5.30 14.65 18.61
N LYS A 22 -6.55 14.96 18.21
CA LYS A 22 -7.71 14.08 18.37
C LYS A 22 -8.05 13.32 17.08
N THR A 23 -8.54 12.09 17.20
CA THR A 23 -9.09 11.37 16.04
C THR A 23 -10.30 12.02 15.38
N LYS A 24 -10.43 11.84 14.07
CA LYS A 24 -11.64 12.21 13.36
C LYS A 24 -12.70 11.08 13.36
N LEU A 25 -12.31 9.86 13.74
CA LEU A 25 -13.25 8.75 13.83
C LEU A 25 -14.11 8.83 15.09
N GLU A 26 -15.43 8.78 14.91
CA GLU A 26 -16.35 8.64 16.05
C GLU A 26 -17.26 7.47 15.78
N PRO A 27 -17.85 6.88 16.85
CA PRO A 27 -18.91 5.88 16.69
C PRO A 27 -20.00 6.32 15.68
N SER A 28 -20.37 5.42 14.78
CA SER A 28 -21.39 5.69 13.81
C SER A 28 -22.78 5.32 14.39
N VAL A 29 -23.88 5.76 13.76
CA VAL A 29 -25.18 5.20 14.11
C VAL A 29 -25.25 3.65 14.08
N PHE A 30 -24.26 2.96 13.54
CA PHE A 30 -24.39 1.50 13.45
C PHE A 30 -23.56 0.80 14.50
N HIS A 31 -22.93 1.59 15.38
CA HIS A 31 -21.95 1.14 16.36
C HIS A 31 -22.51 0.12 17.35
N GLN A 32 -23.77 0.27 17.75
CA GLN A 32 -24.40 -0.67 18.69
C GLN A 32 -25.03 -1.86 17.96
N VAL A 33 -25.55 -1.62 16.77
CA VAL A 33 -26.10 -2.68 15.89
C VAL A 33 -25.17 -3.82 15.45
N PHE A 34 -23.85 -3.59 15.36
CA PHE A 34 -22.88 -4.69 15.05
C PHE A 34 -21.80 -4.89 16.12
N GLU A 35 -21.31 -6.12 16.24
CA GLU A 35 -20.14 -6.45 17.08
C GLU A 35 -18.84 -5.98 16.38
N GLY A 36 -17.85 -5.51 17.15
CA GLY A 36 -16.48 -5.41 16.70
C GLY A 36 -15.50 -5.05 17.81
N ASN A 37 -14.23 -5.37 17.68
CA ASN A 37 -13.29 -5.05 18.74
C ASN A 37 -12.32 -3.92 18.46
N LYS A 38 -12.29 -3.38 17.23
CA LYS A 38 -11.29 -2.40 16.88
C LYS A 38 -11.68 -0.99 17.26
N GLU A 39 -10.66 -0.16 17.37
CA GLU A 39 -10.79 1.20 17.88
C GLU A 39 -9.80 2.07 17.21
N PRO A 40 -10.03 3.40 17.22
CA PRO A 40 -9.10 4.29 16.51
C PRO A 40 -7.70 4.21 17.09
N ALA A 41 -6.70 4.25 16.22
CA ALA A 41 -5.32 4.26 16.64
C ALA A 41 -5.00 5.42 17.61
N VAL A 42 -3.96 5.23 18.40
CA VAL A 42 -3.44 6.25 19.27
C VAL A 42 -2.72 7.31 18.42
N LEU A 43 -3.15 8.56 18.53
CA LEU A 43 -2.53 9.64 17.77
C LEU A 43 -1.68 10.52 18.64
N ARG A 44 -2.02 10.65 19.94
CA ARG A 44 -1.20 11.47 20.86
C ARG A 44 -0.60 10.65 21.99
N SER A 45 0.36 11.26 22.66
CA SER A 45 1.16 10.65 23.72
C SER A 45 0.44 10.34 25.08
N GLY A 46 -0.59 11.10 25.40
CA GLY A 46 -1.24 10.95 26.66
C GLY A 46 -2.46 10.07 26.61
N ASP A 47 -2.80 9.54 25.44
CA ASP A 47 -3.98 8.67 25.28
C ASP A 47 -4.04 7.73 26.46
N PRO A 48 -5.14 7.77 27.22
CA PRO A 48 -5.30 6.93 28.42
C PRO A 48 -5.37 5.40 28.12
N ARG A 49 -5.47 5.03 26.84
CA ARG A 49 -5.61 3.63 26.47
C ARG A 49 -4.22 3.00 26.33
N LEU A 50 -3.17 3.85 26.33
CA LEU A 50 -1.80 3.39 26.13
C LEU A 50 -1.30 2.46 27.27
N LYS A 51 -0.62 1.38 26.90
CA LYS A 51 -0.02 0.47 27.88
C LYS A 51 1.46 0.30 27.47
N ALA A 52 2.00 1.34 26.81
CA ALA A 52 3.39 1.35 26.41
C ALA A 52 3.72 2.78 26.08
N ASN A 53 4.97 3.05 25.72
CA ASN A 53 5.44 4.39 25.41
C ASN A 53 5.23 4.68 23.91
N PHE A 54 4.55 5.79 23.62
CA PHE A 54 4.06 6.08 22.27
C PHE A 54 5.13 6.51 21.28
N GLU A 55 5.95 7.48 21.66
CA GLU A 55 6.97 7.94 20.78
C GLU A 55 7.87 6.72 20.43
N GLU A 56 8.10 5.87 21.41
CA GLU A 56 8.93 4.71 21.20
C GLU A 56 8.29 3.73 20.26
N ALA A 57 7.00 3.46 20.43
CA ALA A 57 6.35 2.44 19.61
C ALA A 57 6.34 2.83 18.12
N ILE A 58 5.96 4.07 17.83
CA ILE A 58 5.72 4.44 16.46
C ILE A 58 7.00 4.35 15.65
N PHE A 59 8.15 4.46 16.31
CA PHE A 59 9.38 4.50 15.55
C PHE A 59 10.14 3.21 15.53
N SER A 60 9.60 2.24 16.27
CA SER A 60 10.34 1.06 16.62
C SER A 60 10.37 0.12 15.46
N LYS A 61 9.43 0.31 14.54
CA LYS A 61 9.38 -0.40 13.28
C LYS A 61 10.73 -0.25 12.57
N TYR A 62 11.44 0.85 12.86
CA TYR A 62 12.80 1.07 12.34
C TYR A 62 13.88 0.17 12.94
N ILE A 63 13.86 -1.11 12.59
CA ILE A 63 14.58 -2.14 13.33
C ILE A 63 16.06 -2.20 13.09
N GLY A 64 16.54 -1.60 12.00
CA GLY A 64 17.97 -1.62 11.72
C GLY A 64 18.25 -1.87 10.26
N ASN A 65 19.51 -1.81 9.85
CA ASN A 65 19.89 -2.22 8.51
C ASN A 65 20.89 -3.36 8.56
N VAL A 66 21.03 -4.10 7.47
CA VAL A 66 22.16 -5.00 7.32
C VAL A 66 23.08 -4.43 6.28
N ASN A 67 24.34 -4.25 6.62
CA ASN A 67 25.19 -3.60 5.67
C ASN A 67 25.79 -4.68 4.78
N THR A 68 25.53 -4.56 3.48
CA THR A 68 26.07 -5.52 2.51
C THR A 68 25.95 -5.01 1.07
N HIS A 69 26.74 -5.60 0.18
CA HIS A 69 26.55 -5.33 -1.24
C HIS A 69 25.55 -6.35 -1.84
N VAL A 70 25.09 -6.02 -3.03
CA VAL A 70 24.26 -6.87 -3.83
C VAL A 70 25.01 -8.16 -4.09
N ASP A 71 24.49 -9.28 -3.58
CA ASP A 71 25.10 -10.59 -3.79
C ASP A 71 24.72 -11.33 -5.11
N GLU A 72 25.23 -12.54 -5.29
CA GLU A 72 25.02 -13.26 -6.56
C GLU A 72 23.54 -13.63 -6.73
N TYR A 73 22.87 -13.87 -5.59
CA TYR A 73 21.45 -14.19 -5.58
C TYR A 73 20.61 -13.01 -5.98
N MET A 74 20.92 -11.85 -5.39
CA MET A 74 20.24 -10.61 -5.78
C MET A 74 20.35 -10.29 -7.24
N LEU A 75 21.55 -10.44 -7.80
CA LEU A 75 21.77 -10.11 -9.20
C LEU A 75 20.95 -10.92 -10.18
N GLU A 76 20.85 -12.19 -9.87
CA GLU A 76 20.21 -13.08 -10.77
C GLU A 76 18.72 -12.93 -10.59
N ALA A 77 18.30 -12.62 -9.34
CA ALA A 77 16.96 -12.15 -9.05
C ALA A 77 16.61 -10.93 -9.93
N VAL A 78 17.41 -9.87 -9.80
CA VAL A 78 17.17 -8.65 -10.55
C VAL A 78 17.00 -8.99 -12.01
N ASP A 79 17.91 -9.80 -12.58
CA ASP A 79 17.87 -10.07 -14.03
C ASP A 79 16.63 -10.79 -14.49
N HIS A 80 16.23 -11.79 -13.72
CA HIS A 80 15.04 -12.52 -14.07
C HIS A 80 13.83 -11.58 -14.16
N TYR A 81 13.61 -10.81 -13.10
CA TYR A 81 12.48 -9.86 -13.04
C TYR A 81 12.61 -8.72 -14.05
N ALA A 82 13.85 -8.26 -14.25
CA ALA A 82 14.19 -7.37 -15.40
C ALA A 82 13.70 -8.02 -16.68
N GLY A 83 14.13 -9.27 -16.90
CA GLY A 83 13.66 -10.00 -18.07
C GLY A 83 12.18 -9.90 -18.28
N GLN A 84 11.41 -10.00 -17.20
CA GLN A 84 9.94 -9.87 -17.29
C GLN A 84 9.45 -8.46 -17.69
N LEU A 85 9.96 -7.44 -17.01
CA LEU A 85 9.43 -6.09 -17.20
C LEU A 85 9.68 -5.55 -18.62
N ALA A 86 10.74 -6.09 -19.25
CA ALA A 86 11.16 -5.72 -20.64
C ALA A 86 10.04 -5.96 -21.65
N THR A 87 9.34 -7.06 -21.47
CA THR A 87 8.17 -7.44 -22.23
C THR A 87 7.14 -6.37 -22.28
N LEU A 88 7.20 -5.45 -21.33
CA LEU A 88 6.10 -4.53 -21.18
C LEU A 88 6.32 -3.28 -21.98
N ASP A 89 7.59 -2.92 -22.20
CA ASP A 89 7.97 -1.72 -22.97
C ASP A 89 7.56 -0.43 -22.25
N ILE A 90 8.12 -0.33 -21.06
CA ILE A 90 8.00 0.81 -20.19
C ILE A 90 8.83 1.91 -20.84
N SER A 91 8.20 3.07 -21.02
CA SER A 91 8.87 4.25 -21.55
C SER A 91 9.60 4.98 -20.43
N THR A 92 10.91 5.15 -20.57
CA THR A 92 11.68 5.92 -19.58
C THR A 92 11.59 7.43 -19.83
N GLU A 93 10.77 7.82 -20.81
CA GLU A 93 10.63 9.22 -21.11
CA GLU A 93 10.59 9.23 -21.15
C GLU A 93 9.79 9.87 -20.02
N PRO A 94 10.11 11.12 -19.65
CA PRO A 94 9.29 11.78 -18.61
C PRO A 94 7.88 11.94 -19.11
N MET A 95 6.96 12.19 -18.19
CA MET A 95 5.60 12.36 -18.59
C MET A 95 5.24 13.84 -18.61
N LYS A 96 4.46 14.28 -19.59
CA LYS A 96 4.15 15.70 -19.65
C LYS A 96 3.40 16.18 -18.40
N LEU A 97 3.99 17.18 -17.75
CA LEU A 97 3.47 17.73 -16.52
C LEU A 97 1.94 17.69 -16.46
N GLU A 98 1.25 18.19 -17.47
CA GLU A 98 -0.22 18.17 -17.36
C GLU A 98 -0.76 16.80 -16.95
N ASP A 99 -0.19 15.77 -17.56
CA ASP A 99 -0.65 14.37 -17.41
C ASP A 99 -0.34 13.88 -15.96
N ALA A 100 0.92 13.97 -15.58
CA ALA A 100 1.43 13.77 -14.23
C ALA A 100 0.69 14.47 -13.11
N VAL A 101 0.07 15.61 -13.38
CA VAL A 101 -0.58 16.35 -12.31
C VAL A 101 -2.09 16.21 -12.32
N TYR A 102 -2.68 16.21 -13.50
CA TYR A 102 -4.13 16.25 -13.54
C TYR A 102 -4.82 15.03 -14.14
N GLY A 103 -4.09 13.93 -14.41
CA GLY A 103 -4.72 12.64 -14.79
C GLY A 103 -4.57 12.21 -16.24
N THR A 104 -4.73 10.90 -16.47
CA THR A 104 -4.56 10.24 -17.76
C THR A 104 -4.84 8.75 -17.58
N GLU A 105 -5.06 8.03 -18.68
CA GLU A 105 -5.35 6.62 -18.56
C GLU A 105 -4.16 6.07 -17.78
N GLY A 106 -4.44 5.27 -16.73
CA GLY A 106 -3.41 4.61 -15.92
C GLY A 106 -2.72 5.35 -14.76
N LEU A 107 -3.05 6.62 -14.57
CA LEU A 107 -2.48 7.40 -13.49
C LEU A 107 -3.47 8.38 -12.99
N GLU A 108 -4.12 8.12 -11.87
CA GLU A 108 -5.10 9.09 -11.36
C GLU A 108 -4.50 10.46 -11.10
N ALA A 109 -5.35 11.47 -11.22
CA ALA A 109 -4.95 12.83 -10.86
C ALA A 109 -4.41 12.83 -9.43
N LEU A 110 -3.35 13.60 -9.25
CA LEU A 110 -2.77 13.93 -7.97
C LEU A 110 -3.83 14.41 -6.97
N ASP A 111 -3.94 13.73 -5.83
CA ASP A 111 -5.07 13.87 -4.87
C ASP A 111 -4.99 15.21 -4.18
N LEU A 112 -6.05 16.01 -4.25
CA LEU A 112 -6.01 17.37 -3.74
C LEU A 112 -6.50 17.49 -2.32
N THR A 113 -6.70 16.36 -1.67
CA THR A 113 -7.08 16.33 -0.28
C THR A 113 -5.88 16.14 0.63
N THR A 114 -4.84 15.45 0.14
CA THR A 114 -3.72 15.21 1.02
C THR A 114 -2.86 16.46 1.28
N SER A 115 -2.01 16.38 2.31
CA SER A 115 -1.00 17.39 2.63
C SER A 115 -0.10 17.77 1.44
N ALA A 116 0.29 19.04 1.36
CA ALA A 116 1.25 19.51 0.35
C ALA A 116 2.68 19.39 0.89
N GLY A 117 2.80 19.13 2.19
CA GLY A 117 4.08 18.92 2.84
C GLY A 117 4.80 20.22 2.99
N TYR A 118 6.08 20.11 3.33
CA TYR A 118 6.99 21.24 3.51
C TYR A 118 7.35 21.91 2.18
N PRO A 119 7.35 23.28 2.17
CA PRO A 119 7.08 24.09 3.34
C PRO A 119 5.65 24.63 3.38
N TYR A 120 4.83 24.19 2.43
CA TYR A 120 3.53 24.79 2.21
C TYR A 120 2.69 24.62 3.45
N VAL A 121 2.88 23.48 4.09
CA VAL A 121 2.07 23.15 5.22
C VAL A 121 2.40 24.11 6.35
N ALA A 122 3.60 24.68 6.31
CA ALA A 122 4.05 25.56 7.38
C ALA A 122 3.51 26.94 7.14
N LEU A 123 3.25 27.23 5.86
CA LEU A 123 2.89 28.54 5.35
C LEU A 123 1.42 28.65 5.15
N GLY A 124 0.65 27.79 5.81
CA GLY A 124 -0.78 27.70 5.58
C GLY A 124 -1.24 27.43 4.16
N ILE A 125 -0.35 27.18 3.20
CA ILE A 125 -0.76 26.91 1.79
C ILE A 125 -1.20 25.45 1.46
N LYS A 126 -2.43 25.34 0.93
CA LYS A 126 -3.05 24.05 0.66
C LYS A 126 -2.93 23.65 -0.80
N LYS A 127 -3.15 22.39 -1.11
CA LYS A 127 -2.99 21.96 -2.49
C LYS A 127 -3.94 22.73 -3.37
N ARG A 128 -5.16 22.97 -2.88
CA ARG A 128 -6.18 23.60 -3.72
C ARG A 128 -5.84 25.08 -3.96
N ASP A 129 -4.99 25.65 -3.12
CA ASP A 129 -4.49 26.99 -3.35
C ASP A 129 -3.52 27.00 -4.52
N ILE A 130 -3.08 25.83 -4.96
CA ILE A 130 -2.08 25.80 -6.03
C ILE A 130 -2.63 25.18 -7.31
N LEU A 131 -3.36 24.08 -7.20
CA LEU A 131 -3.80 23.36 -8.37
C LEU A 131 -5.30 23.47 -8.45
N SER A 132 -5.84 23.37 -9.66
CA SER A 132 -7.27 23.48 -9.84
C SER A 132 -7.67 22.42 -10.81
N LYS A 133 -8.75 21.68 -10.51
CA LYS A 133 -9.15 20.63 -11.43
C LYS A 133 -10.05 21.13 -12.53
N LYS A 134 -10.00 22.43 -12.83
CA LYS A 134 -11.01 23.05 -13.69
C LYS A 134 -10.34 23.82 -14.78
N THR A 135 -9.19 24.39 -14.43
CA THR A 135 -8.40 25.26 -15.30
C THR A 135 -7.12 24.55 -15.78
N LYS A 136 -6.84 23.39 -15.18
CA LYS A 136 -5.58 22.64 -15.33
C LYS A 136 -4.32 23.52 -15.32
N ASP A 137 -4.38 24.54 -14.47
CA ASP A 137 -3.33 25.57 -14.38
C ASP A 137 -2.05 25.00 -13.78
N LEU A 138 -0.92 25.25 -14.43
CA LEU A 138 0.38 24.85 -13.90
C LEU A 138 1.33 26.02 -13.69
N THR A 139 0.79 27.24 -13.73
CA THR A 139 1.64 28.42 -13.70
C THR A 139 2.15 28.62 -12.32
N LYS A 140 1.25 28.43 -11.35
CA LYS A 140 1.57 28.56 -9.92
C LYS A 140 2.48 27.45 -9.52
N LEU A 141 2.13 26.22 -9.89
CA LEU A 141 2.96 25.09 -9.51
C LEU A 141 4.41 25.27 -9.95
N LYS A 142 4.60 25.60 -11.23
CA LYS A 142 5.91 25.92 -11.82
C LYS A 142 6.70 27.00 -11.05
N GLU A 143 6.00 27.99 -10.52
CA GLU A 143 6.62 29.02 -9.67
C GLU A 143 7.15 28.40 -8.40
N CYS A 144 6.33 27.56 -7.75
CA CYS A 144 6.65 26.93 -6.47
C CYS A 144 7.75 25.93 -6.59
N MET A 145 7.75 25.20 -7.68
CA MET A 145 8.81 24.26 -7.97
C MET A 145 10.15 24.98 -8.15
N ASP A 146 10.15 26.04 -8.96
CA ASP A 146 11.35 26.86 -9.23
C ASP A 146 11.75 27.53 -7.92
N LYS A 147 10.77 28.01 -7.18
CA LYS A 147 11.04 28.73 -5.95
C LYS A 147 11.70 27.84 -4.95
N TYR A 148 11.13 26.65 -4.71
CA TYR A 148 11.53 25.81 -3.55
C TYR A 148 12.34 24.55 -3.85
N GLY A 149 12.29 24.10 -5.08
CA GLY A 149 13.16 23.01 -5.51
C GLY A 149 12.63 21.60 -5.28
N LEU A 150 13.56 20.65 -5.28
CA LEU A 150 13.22 19.25 -5.09
C LEU A 150 13.89 18.88 -3.82
N ASN A 151 13.87 17.59 -3.51
CA ASN A 151 14.52 17.12 -2.33
C ASN A 151 14.19 17.82 -1.05
N LEU A 152 12.92 17.99 -0.72
CA LEU A 152 12.55 18.66 0.57
C LEU A 152 12.28 17.69 1.73
N PRO A 153 12.23 18.19 2.96
CA PRO A 153 11.96 17.23 4.06
C PRO A 153 10.58 16.64 3.90
N MET A 154 10.24 15.59 4.64
CA MET A 154 8.94 14.94 4.46
C MET A 154 8.17 15.17 5.74
N VAL A 155 6.86 15.18 5.70
CA VAL A 155 6.23 15.46 6.93
C VAL A 155 5.61 14.18 7.42
N THR A 156 5.91 13.83 8.66
CA THR A 156 5.47 12.56 9.22
C THR A 156 4.16 12.75 10.01
N TYR A 157 3.11 12.01 9.61
CA TYR A 157 1.81 12.03 10.24
C TYR A 157 1.47 10.65 10.80
N VAL A 158 0.79 10.62 11.95
CA VAL A 158 0.34 9.38 12.51
C VAL A 158 -0.95 9.07 11.79
N LYS A 159 -1.03 7.86 11.23
CA LYS A 159 -2.16 7.41 10.41
C LYS A 159 -3.33 7.20 11.34
N ASP A 160 -4.41 7.93 11.05
CA ASP A 160 -5.64 7.91 11.84
C ASP A 160 -6.57 6.83 11.29
N GLU A 161 -6.57 5.66 11.89
CA GLU A 161 -7.32 4.55 11.36
C GLU A 161 -7.66 3.57 12.45
N LEU A 162 -8.60 2.67 12.20
CA LEU A 162 -8.97 1.65 13.15
C LEU A 162 -7.90 0.61 13.28
N ARG A 163 -7.67 0.16 14.51
CA ARG A 163 -6.71 -0.88 14.85
C ARG A 163 -7.21 -1.82 15.94
N SER A 164 -6.56 -2.95 16.10
CA SER A 164 -7.01 -3.86 17.17
C SER A 164 -6.66 -3.33 18.58
N ILE A 165 -7.29 -3.89 19.60
CA ILE A 165 -6.97 -3.56 21.00
C ILE A 165 -5.46 -3.73 21.34
N GLU A 166 -4.87 -4.83 20.87
CA GLU A 166 -3.46 -5.09 21.02
C GLU A 166 -2.59 -3.92 20.51
N LYS A 167 -2.98 -3.27 19.41
CA LYS A 167 -2.10 -2.30 18.77
C LYS A 167 -2.38 -0.92 19.29
N VAL A 168 -3.63 -0.70 19.74
CA VAL A 168 -3.99 0.51 20.48
C VAL A 168 -3.21 0.45 21.78
N ALA A 169 -3.22 -0.71 22.44
CA ALA A 169 -2.55 -0.83 23.75
C ALA A 169 -1.04 -0.63 23.65
N LYS A 170 -0.42 -1.27 22.64
CA LYS A 170 1.00 -1.16 22.39
C LYS A 170 1.40 0.15 21.70
N GLY A 171 0.44 0.97 21.30
CA GLY A 171 0.75 2.24 20.62
C GLY A 171 1.40 2.11 19.22
N LYS A 172 1.24 0.94 18.63
CA LYS A 172 1.87 0.65 17.34
C LYS A 172 1.03 1.27 16.24
N SER A 173 0.89 2.60 16.22
CA SER A 173 0.19 3.30 15.18
C SER A 173 1.10 3.39 14.01
N ARG A 174 0.57 3.48 12.78
CA ARG A 174 1.41 3.52 11.61
C ARG A 174 1.72 4.95 11.24
N LEU A 175 2.94 5.16 10.73
CA LEU A 175 3.35 6.48 10.28
C LEU A 175 3.14 6.67 8.77
N ILE A 176 2.68 7.84 8.35
CA ILE A 176 2.68 8.16 6.89
C ILE A 176 3.46 9.40 6.61
N GLU A 177 4.24 9.35 5.53
CA GLU A 177 5.09 10.48 5.12
C GLU A 177 4.34 11.30 4.13
N ALA A 178 4.24 12.60 4.35
CA ALA A 178 3.74 13.45 3.26
C ALA A 178 4.95 14.05 2.58
N SER A 179 5.10 13.68 1.31
CA SER A 179 6.14 14.23 0.49
C SER A 179 5.78 15.67 0.17
N SER A 180 6.79 16.48 -0.11
CA SER A 180 6.49 17.81 -0.53
C SER A 180 5.88 17.76 -1.90
N LEU A 181 4.79 18.48 -2.08
CA LEU A 181 4.20 18.61 -3.40
C LEU A 181 5.22 18.61 -4.54
N ASN A 182 6.33 19.30 -4.40
CA ASN A 182 7.26 19.39 -5.54
C ASN A 182 7.83 18.04 -5.90
N ASP A 183 8.42 17.39 -4.90
CA ASP A 183 8.85 16.00 -4.98
C ASP A 183 7.75 15.03 -5.46
N SER A 184 6.53 15.16 -4.95
CA SER A 184 5.44 14.43 -5.53
C SER A 184 5.38 14.59 -7.05
N VAL A 185 5.38 15.82 -7.52
CA VAL A 185 5.10 16.10 -8.93
C VAL A 185 6.29 15.65 -9.79
N ALA A 186 7.48 16.08 -9.40
CA ALA A 186 8.71 15.62 -9.98
C ALA A 186 8.71 14.11 -10.20
N MET A 187 8.41 13.36 -9.15
CA MET A 187 8.45 11.89 -9.23
C MET A 187 7.38 11.39 -10.15
N ARG A 188 6.22 12.02 -10.12
CA ARG A 188 5.18 11.60 -11.00
C ARG A 188 5.68 11.84 -12.41
N GLN A 189 6.46 12.89 -12.59
CA GLN A 189 6.96 13.22 -13.94
C GLN A 189 7.94 12.15 -14.43
N THR A 190 8.88 11.84 -13.55
CA THR A 190 9.91 10.89 -13.82
C THR A 190 9.41 9.48 -13.96
N PHE A 191 8.30 9.12 -13.33
CA PHE A 191 7.97 7.70 -13.27
C PHE A 191 6.59 7.43 -13.73
N GLY A 192 5.91 8.50 -14.10
CA GLY A 192 4.54 8.39 -14.50
C GLY A 192 4.34 7.27 -15.47
N ASN A 193 5.25 7.09 -16.43
CA ASN A 193 5.01 6.03 -17.43
C ASN A 193 5.13 4.63 -16.87
N LEU A 194 6.06 4.45 -15.92
CA LEU A 194 6.17 3.23 -15.10
C LEU A 194 4.90 2.95 -14.35
N TYR A 195 4.46 3.91 -13.56
CA TYR A 195 3.20 3.80 -12.87
C TYR A 195 2.04 3.44 -13.83
N LYS A 196 1.92 4.17 -14.93
CA LYS A 196 0.86 3.91 -15.90
C LYS A 196 0.87 2.44 -16.32
N THR A 197 2.04 1.92 -16.67
CA THR A 197 2.18 0.53 -17.12
C THR A 197 1.87 -0.50 -15.99
N PHE A 198 2.34 -0.21 -14.79
CA PHE A 198 2.01 -1.05 -13.68
C PHE A 198 0.51 -1.08 -13.40
N HIS A 199 -0.15 0.08 -13.36
CA HIS A 199 -1.59 0.05 -13.09
C HIS A 199 -2.36 -0.60 -14.23
N LEU A 200 -1.86 -0.51 -15.47
CA LEU A 200 -2.64 -1.17 -16.57
C LEU A 200 -2.30 -2.65 -16.74
N ASN A 201 -1.29 -3.15 -16.04
CA ASN A 201 -0.93 -4.54 -16.17
C ASN A 201 -0.68 -5.24 -14.88
N PRO A 202 -1.74 -5.37 -14.10
CA PRO A 202 -1.61 -6.13 -12.89
C PRO A 202 -1.51 -7.61 -13.27
N GLY A 203 -0.63 -8.33 -12.60
CA GLY A 203 -0.51 -9.76 -12.80
C GLY A 203 0.92 -10.22 -12.65
N VAL A 204 1.29 -11.26 -13.38
CA VAL A 204 2.50 -12.03 -13.11
C VAL A 204 3.62 -11.55 -13.96
N VAL A 205 3.28 -10.70 -14.92
CA VAL A 205 4.38 -10.12 -15.69
C VAL A 205 4.95 -8.96 -14.90
N THR A 206 4.06 -8.10 -14.42
CA THR A 206 4.52 -7.02 -13.56
C THR A 206 4.80 -7.57 -12.20
N GLY A 207 4.19 -8.71 -11.89
CA GLY A 207 4.19 -9.27 -10.55
C GLY A 207 3.66 -8.24 -9.57
N SER A 208 2.68 -7.44 -10.00
CA SER A 208 2.03 -6.42 -9.16
C SER A 208 0.51 -6.52 -9.20
N ALA A 209 -0.19 -6.12 -8.13
CA ALA A 209 -1.66 -5.97 -8.17
C ALA A 209 -2.09 -4.57 -7.80
N VAL A 210 -1.11 -3.69 -7.63
CA VAL A 210 -1.41 -2.27 -7.34
C VAL A 210 -2.31 -1.63 -8.39
N GLY A 211 -3.35 -0.95 -7.96
CA GLY A 211 -4.30 -0.36 -8.91
C GLY A 211 -5.41 -1.30 -9.42
N CYS A 212 -5.33 -2.59 -9.07
CA CYS A 212 -6.31 -3.54 -9.60
C CYS A 212 -7.68 -3.37 -8.98
N ASP A 213 -8.65 -3.94 -9.67
CA ASP A 213 -9.99 -4.07 -9.14
C ASP A 213 -10.42 -5.52 -8.76
N PRO A 214 -10.40 -5.85 -7.47
CA PRO A 214 -10.64 -7.21 -7.05
C PRO A 214 -11.82 -7.82 -7.78
N ASP A 215 -12.97 -7.15 -7.77
CA ASP A 215 -14.09 -7.57 -8.58
C ASP A 215 -13.73 -8.19 -9.96
N LEU A 216 -12.81 -7.60 -10.71
CA LEU A 216 -12.46 -8.21 -11.99
C LEU A 216 -11.25 -9.15 -11.85
N PHE A 217 -10.27 -8.74 -11.04
CA PHE A 217 -8.95 -9.35 -11.02
C PHE A 217 -8.95 -10.74 -10.38
N TRP A 218 -9.73 -10.93 -9.32
CA TRP A 218 -9.78 -12.21 -8.62
C TRP A 218 -9.93 -13.39 -9.56
N SER A 219 -10.84 -13.28 -10.52
CA SER A 219 -11.03 -14.34 -11.50
C SER A 219 -9.76 -14.74 -12.29
N LYS A 220 -8.83 -13.79 -12.49
CA LYS A 220 -7.57 -14.02 -13.21
C LYS A 220 -6.54 -14.77 -12.33
N ILE A 221 -6.69 -14.64 -11.02
CA ILE A 221 -5.55 -14.97 -10.21
C ILE A 221 -5.24 -16.48 -10.29
N PRO A 222 -6.24 -17.35 -10.05
CA PRO A 222 -6.04 -18.75 -10.11
C PRO A 222 -5.59 -19.21 -11.45
N VAL A 223 -5.92 -18.48 -12.50
CA VAL A 223 -5.49 -18.88 -13.80
C VAL A 223 -3.99 -18.68 -13.90
N MET A 224 -3.53 -17.54 -13.40
CA MET A 224 -2.12 -17.18 -13.42
C MET A 224 -1.21 -17.95 -12.46
N LEU A 225 -1.78 -18.49 -11.40
CA LEU A 225 -1.01 -19.16 -10.40
C LEU A 225 -1.44 -20.63 -10.40
N ASP A 226 -0.85 -21.44 -11.33
CA ASP A 226 -1.25 -22.84 -11.61
C ASP A 226 -0.83 -23.77 -10.49
N GLY A 227 0.26 -23.39 -9.80
CA GLY A 227 1.08 -24.31 -9.04
C GLY A 227 0.63 -24.60 -7.63
N HIS A 228 1.56 -24.97 -6.76
CA HIS A 228 1.32 -25.00 -5.33
C HIS A 228 1.50 -23.58 -4.80
N LEU A 229 0.56 -23.11 -4.00
CA LEU A 229 0.57 -21.74 -3.55
C LEU A 229 1.66 -21.45 -2.49
N ILE A 230 2.24 -20.27 -2.54
CA ILE A 230 3.12 -19.80 -1.51
C ILE A 230 2.57 -18.41 -1.12
N ALA A 231 2.39 -18.17 0.17
CA ALA A 231 1.79 -16.94 0.66
C ALA A 231 2.44 -16.63 1.99
N PHE A 232 2.54 -15.36 2.39
CA PHE A 232 3.07 -15.08 3.74
C PHE A 232 3.10 -13.62 4.19
N ASP A 233 3.25 -13.42 5.49
CA ASP A 233 3.25 -12.09 6.03
C ASP A 233 4.64 -11.52 6.21
N TYR A 234 4.76 -10.19 6.03
CA TYR A 234 5.84 -9.45 6.67
C TYR A 234 5.35 -8.72 7.94
N SER A 235 6.31 -8.30 8.75
CA SER A 235 6.13 -7.43 9.90
C SER A 235 7.00 -6.26 9.66
N GLY A 236 6.38 -5.10 9.55
CA GLY A 236 7.09 -3.89 9.31
C GLY A 236 7.89 -3.94 8.04
N TYR A 237 7.34 -4.52 6.98
CA TYR A 237 8.01 -4.49 5.68
C TYR A 237 8.72 -3.21 5.37
N ASP A 238 7.96 -2.14 5.14
CA ASP A 238 8.51 -0.87 4.56
C ASP A 238 9.75 -0.46 5.30
N ALA A 239 9.60 -0.39 6.62
CA ALA A 239 10.68 0.09 7.43
C ALA A 239 11.79 -0.91 7.68
N SER A 240 11.65 -2.19 7.37
CA SER A 240 12.85 -3.05 7.43
C SER A 240 13.70 -3.04 6.14
N LEU A 241 13.18 -2.50 5.05
CA LEU A 241 13.97 -2.52 3.83
C LEU A 241 15.34 -1.84 4.04
N SER A 242 16.43 -2.62 4.00
CA SER A 242 17.78 -2.07 4.06
C SER A 242 18.23 -1.47 2.76
N PRO A 243 19.26 -0.64 2.83
CA PRO A 243 19.65 0.09 1.64
C PRO A 243 19.99 -0.84 0.45
N VAL A 244 20.45 -2.05 0.79
CA VAL A 244 20.84 -3.03 -0.24
C VAL A 244 19.72 -3.22 -1.27
N TRP A 245 18.48 -3.40 -0.76
CA TRP A 245 17.33 -3.53 -1.65
C TRP A 245 17.08 -2.31 -2.59
N PHE A 246 17.49 -1.14 -2.13
CA PHE A 246 17.30 0.04 -2.98
C PHE A 246 18.36 0.04 -4.06
N ALA A 247 19.56 -0.37 -3.68
CA ALA A 247 20.61 -0.57 -4.68
C ALA A 247 20.07 -1.48 -5.79
N CYS A 248 19.47 -2.61 -5.40
CA CYS A 248 18.82 -3.53 -6.33
C CYS A 248 17.71 -2.87 -7.15
N LEU A 249 16.92 -2.02 -6.50
CA LEU A 249 15.84 -1.36 -7.23
C LEU A 249 16.39 -0.45 -8.31
N LYS A 250 17.41 0.31 -7.97
CA LYS A 250 17.91 1.20 -8.97
C LYS A 250 18.63 0.39 -10.03
N MET A 251 19.32 -0.65 -9.60
CA MET A 251 19.88 -1.62 -10.55
C MET A 251 18.88 -2.11 -11.61
N ILE A 252 17.64 -2.39 -11.18
CA ILE A 252 16.58 -2.84 -12.07
C ILE A 252 16.03 -1.71 -12.91
N LEU A 253 15.98 -0.51 -12.36
CA LEU A 253 15.45 0.62 -13.14
C LEU A 253 16.41 0.96 -14.26
N GLU A 254 17.70 0.85 -13.95
CA GLU A 254 18.75 0.94 -14.95
C GLU A 254 18.61 -0.02 -16.12
N LYS A 255 18.26 -1.28 -15.89
CA LYS A 255 18.09 -2.14 -17.03
C LYS A 255 16.89 -1.73 -17.85
N LEU A 256 15.95 -1.00 -17.27
CA LEU A 256 14.78 -0.58 -18.05
C LEU A 256 15.12 0.65 -18.88
N GLY A 257 16.30 1.21 -18.63
CA GLY A 257 16.82 2.30 -19.44
C GLY A 257 16.74 3.64 -18.76
N TYR A 258 16.60 3.61 -17.44
CA TYR A 258 16.58 4.84 -16.70
C TYR A 258 18.05 5.20 -16.50
N THR A 259 18.39 6.49 -16.65
CA THR A 259 19.75 6.97 -16.37
C THR A 259 20.03 7.06 -14.87
N HIS A 260 21.30 7.03 -14.49
CA HIS A 260 21.73 7.30 -13.11
C HIS A 260 20.95 8.52 -12.54
N LYS A 261 20.99 9.65 -13.25
CA LYS A 261 20.28 10.87 -12.83
C LYS A 261 18.82 10.58 -12.43
N GLU A 262 18.10 9.90 -13.32
CA GLU A 262 16.69 9.59 -13.12
C GLU A 262 16.47 8.68 -11.90
N THR A 263 17.46 7.85 -11.56
CA THR A 263 17.33 6.97 -10.40
C THR A 263 17.72 7.65 -9.09
N ASN A 264 18.25 8.86 -9.18
CA ASN A 264 18.61 9.57 -7.96
C ASN A 264 17.40 9.70 -7.01
N TYR A 265 16.22 9.75 -7.60
CA TYR A 265 15.03 9.71 -6.79
C TYR A 265 14.86 8.47 -5.88
N ILE A 266 15.45 7.31 -6.20
CA ILE A 266 15.38 6.17 -5.27
C ILE A 266 16.12 6.51 -3.99
N ASP A 267 17.26 7.14 -4.11
CA ASP A 267 17.96 7.69 -2.93
C ASP A 267 17.15 8.67 -2.10
N TYR A 268 16.38 9.50 -2.78
CA TYR A 268 15.52 10.40 -2.06
C TYR A 268 14.62 9.59 -1.11
N LEU A 269 14.03 8.48 -1.58
CA LEU A 269 13.29 7.54 -0.72
C LEU A 269 14.13 6.82 0.38
N CYS A 270 15.29 6.32 -0.02
CA CYS A 270 16.14 5.54 0.88
C CYS A 270 16.73 6.33 2.04
N ASN A 271 17.43 7.40 1.72
CA ASN A 271 18.00 8.25 2.76
C ASN A 271 17.15 9.52 2.83
N SER A 272 16.40 9.63 3.92
CA SER A 272 15.30 10.55 3.95
C SER A 272 15.39 11.48 5.14
N HIS A 273 14.74 12.63 5.00
CA HIS A 273 14.87 13.76 5.88
C HIS A 273 13.42 13.98 6.35
N HIS A 274 13.14 13.89 7.66
CA HIS A 274 11.73 13.95 8.12
C HIS A 274 11.49 14.99 9.15
N LEU A 275 10.38 15.71 9.03
CA LEU A 275 10.03 16.76 9.99
C LEU A 275 8.88 16.33 10.88
N TYR A 276 9.09 15.60 11.96
CA TYR A 276 7.95 15.16 12.78
C TYR A 276 7.59 16.04 13.95
N ARG A 277 6.42 16.69 13.88
CA ARG A 277 5.99 17.54 14.98
C ARG A 277 7.15 18.48 15.29
N ASP A 278 7.65 18.45 16.52
CA ASP A 278 8.74 19.32 16.88
C ASP A 278 10.11 18.74 16.80
N LYS A 279 10.22 17.64 16.13
CA LYS A 279 11.46 16.93 15.91
C LYS A 279 11.87 16.96 14.44
N HIS A 280 13.14 16.66 14.16
CA HIS A 280 13.64 16.66 12.82
C HIS A 280 14.66 15.54 12.75
N TYR A 281 14.41 14.54 11.89
CA TYR A 281 15.27 13.33 11.87
C TYR A 281 15.66 12.82 10.47
N PHE A 282 16.81 12.15 10.39
CA PHE A 282 17.30 11.59 9.14
CA PHE A 282 17.31 11.58 9.13
C PHE A 282 17.22 10.06 9.23
N VAL A 283 16.79 9.40 8.16
CA VAL A 283 16.61 7.94 8.19
C VAL A 283 17.33 7.28 7.01
N ARG A 284 18.18 6.28 7.32
CA ARG A 284 18.87 5.51 6.26
C ARG A 284 18.12 4.18 6.00
N GLY A 285 17.77 3.91 4.76
CA GLY A 285 16.94 2.74 4.47
C GLY A 285 15.49 2.98 4.88
N GLY A 286 14.64 1.99 4.66
CA GLY A 286 13.20 2.08 4.97
C GLY A 286 12.44 2.73 3.84
N MET A 287 11.39 2.10 3.34
CA MET A 287 10.56 2.76 2.36
C MET A 287 9.64 3.73 3.11
N PRO A 288 9.58 5.00 2.66
CA PRO A 288 8.79 5.98 3.40
C PRO A 288 7.34 5.98 2.95
N SER A 289 6.52 5.06 3.48
CA SER A 289 5.16 4.84 2.98
C SER A 289 4.40 6.12 2.92
N GLY A 290 4.03 6.54 1.70
CA GLY A 290 3.17 7.70 1.48
C GLY A 290 3.68 8.67 0.43
N CYS A 291 4.97 8.67 0.15
CA CYS A 291 5.53 9.44 -0.97
C CYS A 291 5.11 8.76 -2.27
N SER A 292 5.43 9.41 -3.36
CA SER A 292 5.03 8.91 -4.68
C SER A 292 5.62 7.52 -4.98
N GLY A 293 4.77 6.65 -5.56
CA GLY A 293 5.16 5.33 -6.01
C GLY A 293 5.55 4.34 -4.90
N THR A 294 5.31 4.67 -3.62
CA THR A 294 5.78 3.75 -2.61
C THR A 294 5.17 2.36 -2.73
N SER A 295 3.96 2.24 -3.22
CA SER A 295 3.37 0.92 -3.40
C SER A 295 3.96 0.10 -4.53
N ILE A 296 4.15 0.76 -5.65
CA ILE A 296 4.76 0.13 -6.78
C ILE A 296 6.17 -0.27 -6.48
N PHE A 297 6.91 0.62 -5.88
CA PHE A 297 8.28 0.35 -5.57
C PHE A 297 8.43 -0.73 -4.53
N ASN A 298 7.56 -0.75 -3.53
CA ASN A 298 7.52 -1.80 -2.55
C ASN A 298 7.26 -3.17 -3.18
N SER A 299 6.37 -3.21 -4.16
CA SER A 299 6.09 -4.43 -4.91
C SER A 299 7.30 -4.96 -5.73
N MET A 300 7.98 -4.04 -6.42
CA MET A 300 9.08 -4.36 -7.31
C MET A 300 10.18 -4.97 -6.47
N ILE A 301 10.49 -4.31 -5.37
CA ILE A 301 11.50 -4.82 -4.44
C ILE A 301 11.11 -6.19 -3.93
N ASN A 302 9.84 -6.38 -3.64
CA ASN A 302 9.37 -7.63 -3.11
C ASN A 302 9.57 -8.68 -4.18
N ASN A 303 9.29 -8.32 -5.42
CA ASN A 303 9.62 -9.18 -6.53
C ASN A 303 11.09 -9.61 -6.53
N ILE A 304 11.99 -8.66 -6.23
CA ILE A 304 13.40 -9.00 -6.10
C ILE A 304 13.59 -9.87 -4.87
N ILE A 305 13.02 -9.44 -3.75
CA ILE A 305 13.26 -10.21 -2.54
C ILE A 305 12.93 -11.70 -2.70
N ILE A 306 11.70 -12.02 -3.07
CA ILE A 306 11.33 -13.43 -3.05
C ILE A 306 12.21 -14.24 -3.96
N ARG A 307 12.47 -13.72 -5.16
CA ARG A 307 13.35 -14.46 -6.06
C ARG A 307 14.72 -14.64 -5.44
N THR A 308 15.13 -13.75 -4.56
CA THR A 308 16.43 -13.90 -3.94
C THR A 308 16.42 -15.04 -2.88
N LEU A 309 15.37 -15.13 -2.07
CA LEU A 309 15.32 -16.20 -1.11
C LEU A 309 15.13 -17.57 -1.81
N MET A 310 14.37 -17.59 -2.90
CA MET A 310 14.24 -18.85 -3.66
C MET A 310 15.63 -19.36 -4.12
N LEU A 311 16.38 -18.48 -4.79
CA LEU A 311 17.69 -18.79 -5.31
C LEU A 311 18.69 -19.24 -4.24
N LYS A 312 18.67 -18.60 -3.08
CA LYS A 312 19.65 -18.88 -2.03
C LYS A 312 19.34 -20.19 -1.27
N VAL A 313 18.07 -20.56 -1.22
CA VAL A 313 17.64 -21.69 -0.42
C VAL A 313 17.47 -22.89 -1.33
N TYR A 314 16.92 -22.67 -2.51
CA TYR A 314 16.69 -23.75 -3.45
C TYR A 314 17.56 -23.58 -4.68
N LYS A 315 18.85 -23.91 -4.53
CA LYS A 315 19.74 -24.07 -5.68
C LYS A 315 19.15 -25.22 -6.51
N GLY A 316 18.81 -24.89 -7.76
CA GLY A 316 18.18 -25.85 -8.63
C GLY A 316 16.88 -25.27 -9.17
N ILE A 317 16.40 -24.25 -8.47
CA ILE A 317 15.16 -23.59 -8.78
C ILE A 317 15.16 -22.97 -10.18
N ASP A 318 14.08 -23.21 -10.90
CA ASP A 318 13.86 -22.61 -12.21
C ASP A 318 12.80 -21.49 -12.08
N LEU A 319 13.24 -20.25 -12.25
CA LEU A 319 12.36 -19.12 -11.92
C LEU A 319 11.31 -18.86 -12.97
N ASP A 320 11.53 -19.42 -14.16
CA ASP A 320 10.58 -19.23 -15.25
C ASP A 320 9.30 -19.99 -14.98
N GLN A 321 9.33 -20.85 -13.96
CA GLN A 321 8.15 -21.59 -13.51
C GLN A 321 7.58 -21.03 -12.24
N PHE A 322 8.28 -20.05 -11.70
CA PHE A 322 7.79 -19.22 -10.59
C PHE A 322 6.81 -18.15 -11.08
N ARG A 323 5.82 -17.82 -10.24
CA ARG A 323 4.87 -16.75 -10.54
C ARG A 323 4.50 -16.08 -9.23
N MET A 324 4.59 -14.77 -9.20
CA MET A 324 4.15 -14.02 -8.05
C MET A 324 3.33 -12.75 -8.39
N ILE A 325 2.51 -12.32 -7.42
CA ILE A 325 1.85 -11.02 -7.46
C ILE A 325 2.01 -10.33 -6.12
N ALA A 326 2.56 -9.12 -6.15
CA ALA A 326 2.73 -8.36 -4.93
C ALA A 326 1.79 -7.15 -4.90
N TYR A 327 1.27 -6.79 -3.74
CA TYR A 327 0.80 -5.45 -3.54
C TYR A 327 1.60 -4.93 -2.37
N GLY A 328 2.70 -4.25 -2.70
CA GLY A 328 3.62 -3.82 -1.68
C GLY A 328 4.10 -5.02 -0.89
N ASP A 329 3.76 -5.11 0.38
CA ASP A 329 4.25 -6.22 1.19
C ASP A 329 3.41 -7.49 1.10
N ASP A 330 2.23 -7.40 0.49
CA ASP A 330 1.32 -8.54 0.42
C ASP A 330 1.70 -9.40 -0.82
N VAL A 331 2.00 -10.68 -0.63
CA VAL A 331 2.44 -11.57 -1.71
C VAL A 331 1.65 -12.88 -1.87
N ILE A 332 1.28 -13.20 -3.10
CA ILE A 332 0.74 -14.49 -3.37
C ILE A 332 1.50 -15.05 -4.57
N ALA A 333 1.90 -16.32 -4.49
CA ALA A 333 2.89 -16.87 -5.45
C ALA A 333 2.67 -18.37 -5.71
N SER A 334 3.18 -18.85 -6.82
CA SER A 334 3.15 -20.29 -7.01
C SER A 334 4.36 -20.87 -7.75
N TYR A 335 4.69 -22.08 -7.31
CA TYR A 335 5.71 -22.91 -7.93
C TYR A 335 5.12 -24.31 -8.23
N PRO A 336 5.68 -25.03 -9.23
CA PRO A 336 5.03 -26.34 -9.51
C PRO A 336 5.32 -27.41 -8.46
N TRP A 337 6.37 -27.23 -7.66
CA TRP A 337 6.69 -28.16 -6.56
C TRP A 337 6.50 -27.46 -5.22
N PRO A 338 6.26 -28.21 -4.11
CA PRO A 338 6.08 -27.56 -2.79
C PRO A 338 7.32 -26.78 -2.42
N ILE A 339 7.12 -25.74 -1.61
CA ILE A 339 8.22 -24.91 -1.13
C ILE A 339 8.02 -24.72 0.34
N ASP A 340 9.10 -24.76 1.15
CA ASP A 340 8.98 -24.57 2.58
C ASP A 340 9.16 -23.09 2.89
N ALA A 341 8.05 -22.40 3.14
CA ALA A 341 8.10 -20.96 3.36
C ALA A 341 8.96 -20.61 4.55
N SER A 342 9.01 -21.49 5.56
CA SER A 342 9.83 -21.31 6.75
C SER A 342 11.31 -21.17 6.39
N LEU A 343 11.75 -21.98 5.43
CA LEU A 343 13.09 -21.88 4.94
C LEU A 343 13.34 -20.47 4.41
N LEU A 344 12.58 -20.03 3.42
CA LEU A 344 12.59 -18.67 2.98
C LEU A 344 12.59 -17.60 4.16
N ALA A 345 11.70 -17.77 5.13
CA ALA A 345 11.59 -16.85 6.25
C ALA A 345 12.85 -16.73 7.06
N GLU A 346 13.52 -17.87 7.30
CA GLU A 346 14.81 -17.82 7.97
C GLU A 346 15.79 -17.23 7.02
N ALA A 347 15.69 -17.51 5.74
CA ALA A 347 16.70 -16.97 4.85
C ALA A 347 16.59 -15.48 4.87
N GLY A 348 15.35 -15.00 4.73
CA GLY A 348 15.08 -13.58 4.65
C GLY A 348 15.60 -12.81 5.85
N LYS A 349 15.48 -13.39 7.03
CA LYS A 349 16.00 -12.76 8.21
C LYS A 349 17.47 -12.36 8.15
N GLY A 350 18.29 -13.16 7.51
CA GLY A 350 19.66 -12.73 7.23
C GLY A 350 19.73 -11.49 6.35
N TYR A 351 18.63 -11.10 5.73
CA TYR A 351 18.61 -9.85 5.00
C TYR A 351 17.82 -8.72 5.77
N GLY A 352 17.47 -8.97 7.02
CA GLY A 352 16.74 -7.97 7.79
C GLY A 352 15.27 -7.91 7.43
N LEU A 353 14.66 -9.06 7.22
CA LEU A 353 13.29 -9.05 6.92
C LEU A 353 12.60 -9.96 7.91
N ILE A 354 11.48 -9.50 8.47
CA ILE A 354 10.65 -10.31 9.33
C ILE A 354 9.48 -10.90 8.58
N MET A 355 9.65 -12.14 8.14
CA MET A 355 8.57 -12.86 7.44
C MET A 355 7.85 -13.73 8.43
N THR A 356 6.57 -13.99 8.18
CA THR A 356 5.72 -14.75 9.11
C THR A 356 4.71 -15.68 8.40
N PRO A 357 4.04 -16.57 9.16
CA PRO A 357 3.05 -17.38 8.44
C PRO A 357 1.91 -16.51 7.94
N ALA A 358 1.35 -16.83 6.77
CA ALA A 358 0.26 -16.03 6.20
C ALA A 358 -0.91 -15.92 7.19
N ASP A 359 -1.62 -14.78 7.14
CA ASP A 359 -2.72 -14.45 8.08
C ASP A 359 -2.44 -14.81 9.56
N LYS A 360 -1.49 -14.10 10.18
CA LYS A 360 -1.14 -14.31 11.60
C LYS A 360 -1.26 -15.81 11.98
N GLY A 361 -0.83 -16.69 11.07
CA GLY A 361 -0.86 -18.14 11.29
C GLY A 361 0.12 -18.56 12.38
N GLU A 362 -0.13 -19.76 12.90
CA GLU A 362 0.69 -20.36 13.97
C GLU A 362 1.99 -20.92 13.38
N CYS A 363 1.86 -21.68 12.28
CA CYS A 363 2.99 -22.26 11.52
C CYS A 363 2.79 -22.04 10.00
N PHE A 364 3.89 -22.15 9.24
CA PHE A 364 3.86 -22.00 7.78
C PHE A 364 3.14 -23.17 7.15
N ASN A 365 1.82 -23.22 7.31
CA ASN A 365 1.04 -24.40 6.92
C ASN A 365 0.89 -24.59 5.41
N GLU A 366 0.05 -25.54 5.02
CA GLU A 366 -0.26 -25.75 3.61
C GLU A 366 -1.13 -24.56 3.16
N VAL A 367 -0.79 -23.97 2.03
CA VAL A 367 -1.57 -22.89 1.50
C VAL A 367 -2.46 -23.41 0.37
N THR A 368 -3.76 -23.46 0.63
CA THR A 368 -4.77 -23.82 -0.39
C THR A 368 -5.55 -22.64 -0.96
N TRP A 369 -6.46 -22.94 -1.88
CA TRP A 369 -7.35 -21.95 -2.38
C TRP A 369 -8.48 -21.72 -1.37
N THR A 370 -8.54 -22.56 -0.36
CA THR A 370 -9.56 -22.38 0.65
C THR A 370 -9.16 -21.30 1.66
N ASN A 371 -7.88 -21.28 2.03
CA ASN A 371 -7.38 -20.45 3.11
C ASN A 371 -6.51 -19.27 2.64
N VAL A 372 -6.23 -19.24 1.34
CA VAL A 372 -5.40 -18.18 0.81
C VAL A 372 -6.16 -16.83 0.87
N THR A 373 -5.48 -15.80 1.36
CA THR A 373 -5.98 -14.44 1.20
C THR A 373 -4.99 -13.54 0.47
N PHE A 374 -5.50 -12.44 -0.10
CA PHE A 374 -4.72 -11.43 -0.73
C PHE A 374 -5.56 -10.17 -0.54
N LEU A 375 -4.90 -9.06 -0.19
CA LEU A 375 -5.57 -7.79 0.18
C LEU A 375 -6.72 -8.08 1.11
N LYS A 376 -6.44 -8.91 2.12
CA LYS A 376 -7.43 -9.32 3.15
C LYS A 376 -8.65 -10.04 2.60
N ARG A 377 -8.60 -10.52 1.36
CA ARG A 377 -9.75 -11.14 0.72
C ARG A 377 -9.49 -12.63 0.44
N TYR A 378 -10.50 -13.46 0.60
CA TYR A 378 -10.40 -14.88 0.25
C TYR A 378 -10.75 -15.09 -1.20
N PHE A 379 -10.69 -16.34 -1.65
CA PHE A 379 -11.12 -16.65 -2.99
C PHE A 379 -12.24 -17.68 -2.87
N ARG A 380 -13.33 -17.45 -3.56
CA ARG A 380 -14.34 -18.48 -3.68
C ARG A 380 -14.90 -18.44 -5.10
N ALA A 381 -14.75 -19.56 -5.81
CA ALA A 381 -15.39 -19.74 -7.09
C ALA A 381 -16.89 -19.59 -6.92
N ASP A 382 -17.49 -18.90 -7.89
CA ASP A 382 -18.93 -18.79 -7.96
C ASP A 382 -19.51 -20.19 -8.15
N GLU A 383 -20.51 -20.57 -7.35
CA GLU A 383 -21.16 -21.89 -7.49
C GLU A 383 -21.68 -22.13 -8.89
N GLN A 384 -22.16 -21.07 -9.54
CA GLN A 384 -22.85 -21.23 -10.80
C GLN A 384 -21.89 -21.09 -11.99
N TYR A 385 -21.03 -20.07 -12.00
CA TYR A 385 -19.97 -19.95 -12.99
C TYR A 385 -18.55 -20.23 -12.40
N PRO A 386 -18.10 -21.48 -12.48
CA PRO A 386 -16.90 -21.86 -11.73
C PRO A 386 -15.62 -21.15 -12.16
N PHE A 387 -15.58 -20.65 -13.40
CA PHE A 387 -14.44 -19.86 -13.84
C PHE A 387 -14.45 -18.43 -13.28
N LEU A 388 -15.61 -18.00 -12.73
CA LEU A 388 -15.72 -16.72 -12.00
C LEU A 388 -15.42 -16.87 -10.51
N VAL A 389 -14.51 -16.05 -10.00
CA VAL A 389 -14.13 -16.11 -8.59
C VAL A 389 -14.41 -14.82 -7.82
N HIS A 390 -15.18 -14.98 -6.74
CA HIS A 390 -15.53 -13.92 -5.85
C HIS A 390 -14.36 -13.52 -4.99
N PRO A 391 -14.04 -12.19 -4.89
CA PRO A 391 -13.11 -11.71 -3.83
C PRO A 391 -13.93 -11.63 -2.55
N VAL A 392 -13.60 -12.40 -1.52
CA VAL A 392 -14.49 -12.46 -0.35
C VAL A 392 -13.86 -11.81 0.86
N MET A 393 -14.18 -10.54 1.11
CA MET A 393 -13.75 -9.80 2.31
C MET A 393 -14.57 -10.34 3.51
N PRO A 394 -13.93 -10.70 4.62
CA PRO A 394 -14.71 -11.26 5.72
C PRO A 394 -15.67 -10.24 6.38
N MET A 395 -16.87 -10.70 6.76
CA MET A 395 -17.89 -9.90 7.46
C MET A 395 -17.42 -9.21 8.72
N LYS A 396 -16.70 -9.95 9.57
CA LYS A 396 -15.97 -9.38 10.68
C LYS A 396 -15.34 -8.00 10.28
N ASP A 397 -14.51 -7.96 9.24
CA ASP A 397 -13.98 -6.71 8.74
C ASP A 397 -15.02 -5.68 8.27
N ILE A 398 -16.09 -6.11 7.65
CA ILE A 398 -17.04 -5.13 7.24
C ILE A 398 -17.78 -4.63 8.46
N HIS A 399 -18.04 -5.51 9.41
CA HIS A 399 -18.69 -5.13 10.65
C HIS A 399 -17.80 -4.15 11.36
N GLU A 400 -16.49 -4.36 11.34
CA GLU A 400 -15.59 -3.45 12.07
C GLU A 400 -15.67 -2.04 11.50
N SER A 401 -15.76 -1.93 10.20
CA SER A 401 -15.55 -0.66 9.53
C SER A 401 -16.84 0.12 9.61
N ILE A 402 -17.97 -0.61 9.71
CA ILE A 402 -19.28 0.08 9.69
C ILE A 402 -19.64 0.82 11.00
N ARG A 403 -18.94 0.46 12.06
CA ARG A 403 -19.22 0.94 13.37
C ARG A 403 -18.59 2.29 13.65
N TRP A 404 -17.76 2.79 12.72
CA TRP A 404 -17.15 4.12 12.90
C TRP A 404 -17.32 4.94 11.65
N THR A 405 -17.18 6.25 11.78
CA THR A 405 -17.17 7.15 10.63
C THR A 405 -16.23 8.30 10.90
N LYS A 406 -15.64 8.83 9.85
CA LYS A 406 -14.90 10.08 9.96
C LYS A 406 -15.78 11.19 9.54
N ASP A 407 -16.90 10.89 8.85
CA ASP A 407 -17.86 11.93 8.44
C ASP A 407 -19.24 11.44 8.09
N PRO A 408 -20.18 11.58 9.01
CA PRO A 408 -21.53 10.99 8.88
C PRO A 408 -22.29 11.50 7.62
N LYS A 409 -21.94 12.69 7.13
CA LYS A 409 -22.37 13.18 5.80
C LYS A 409 -22.17 12.22 4.63
N ASN A 410 -21.31 11.22 4.80
CA ASN A 410 -21.03 10.27 3.70
C ASN A 410 -21.58 8.88 3.96
N THR A 411 -22.36 8.73 5.02
CA THR A 411 -22.92 7.45 5.34
C THR A 411 -23.35 6.70 4.08
N GLN A 412 -24.14 7.35 3.21
CA GLN A 412 -24.67 6.69 2.00
C GLN A 412 -23.51 6.08 1.19
N ASP A 413 -22.55 6.90 0.74
CA ASP A 413 -21.34 6.34 0.11
C ASP A 413 -20.61 5.17 0.88
N HIS A 414 -20.43 5.32 2.19
CA HIS A 414 -19.78 4.35 3.04
C HIS A 414 -20.55 3.02 3.08
N VAL A 415 -21.84 3.10 3.33
CA VAL A 415 -22.60 1.87 3.46
C VAL A 415 -22.75 1.19 2.11
N ARG A 416 -22.85 1.97 1.03
CA ARG A 416 -22.83 1.38 -0.34
C ARG A 416 -21.50 0.65 -0.63
N SER A 417 -20.38 1.32 -0.47
CA SER A 417 -19.09 0.67 -0.53
C SER A 417 -18.99 -0.65 0.23
N LEU A 418 -19.50 -0.68 1.45
CA LEU A 418 -19.42 -1.88 2.23
C LEU A 418 -20.32 -2.91 1.62
N CYS A 419 -21.37 -2.43 0.95
CA CYS A 419 -22.31 -3.29 0.31
C CYS A 419 -21.65 -3.98 -0.84
N LEU A 420 -20.87 -3.20 -1.58
CA LEU A 420 -20.17 -3.73 -2.74
C LEU A 420 -19.22 -4.82 -2.34
N LEU A 421 -18.86 -4.84 -1.05
CA LEU A 421 -17.96 -5.85 -0.52
C LEU A 421 -18.67 -7.07 0.05
N ALA A 422 -19.71 -6.83 0.82
CA ALA A 422 -20.37 -7.85 1.61
C ALA A 422 -21.03 -8.91 0.78
N TRP A 423 -21.56 -8.51 -0.37
CA TRP A 423 -22.43 -9.39 -1.11
C TRP A 423 -21.69 -10.63 -1.58
N HIS A 424 -20.38 -10.54 -1.81
CA HIS A 424 -19.61 -11.74 -2.08
C HIS A 424 -19.71 -12.78 -0.92
N ASN A 425 -20.21 -12.44 0.24
CA ASN A 425 -20.28 -13.50 1.24
C ASN A 425 -21.50 -14.37 1.05
N GLY A 426 -22.36 -13.97 0.11
CA GLY A 426 -23.53 -14.76 -0.23
C GLY A 426 -24.87 -14.16 0.16
N GLU A 427 -25.94 -14.59 -0.49
CA GLU A 427 -27.24 -14.03 -0.24
C GLU A 427 -27.71 -14.07 1.24
N HIS A 428 -27.63 -15.22 1.93
CA HIS A 428 -28.04 -15.25 3.35
CA HIS A 428 -28.07 -15.22 3.33
C HIS A 428 -27.35 -14.12 4.11
N GLU A 429 -26.00 -14.15 4.09
CA GLU A 429 -25.10 -13.20 4.72
C GLU A 429 -25.43 -11.75 4.33
N TYR A 430 -25.64 -11.55 3.05
CA TYR A 430 -25.99 -10.21 2.61
C TYR A 430 -27.34 -9.73 3.14
N GLU A 431 -28.30 -10.64 3.27
CA GLU A 431 -29.58 -10.19 3.73
C GLU A 431 -29.54 -9.87 5.25
N GLU A 432 -28.74 -10.62 6.04
CA GLU A 432 -28.59 -10.27 7.47
C GLU A 432 -27.97 -8.89 7.62
N PHE A 433 -27.01 -8.62 6.74
CA PHE A 433 -26.30 -7.36 6.76
C PHE A 433 -27.36 -6.28 6.57
N ILE A 434 -28.18 -6.44 5.55
CA ILE A 434 -29.13 -5.43 5.19
C ILE A 434 -30.21 -5.20 6.29
N ARG A 435 -30.65 -6.28 6.90
CA ARG A 435 -31.66 -6.19 7.91
C ARG A 435 -31.15 -5.34 9.12
N LYS A 436 -29.94 -5.66 9.58
CA LYS A 436 -29.39 -4.92 10.70
C LYS A 436 -29.08 -3.48 10.32
N ILE A 437 -28.54 -3.23 9.16
CA ILE A 437 -28.41 -1.86 8.72
C ILE A 437 -29.75 -1.16 8.88
N ARG A 438 -30.81 -1.89 8.50
CA ARG A 438 -32.13 -1.33 8.41
C ARG A 438 -32.82 -1.33 9.73
N SER A 439 -32.16 -1.80 10.77
CA SER A 439 -32.81 -1.83 12.04
C SER A 439 -32.59 -0.51 12.79
N VAL A 440 -32.01 0.46 12.09
CA VAL A 440 -31.78 1.78 12.61
C VAL A 440 -32.44 2.72 11.64
N PRO A 441 -33.03 3.82 12.11
CA PRO A 441 -33.74 4.62 11.11
C PRO A 441 -32.83 5.19 10.00
N VAL A 442 -31.62 5.62 10.30
CA VAL A 442 -30.79 6.12 9.22
C VAL A 442 -30.65 5.08 8.09
N GLY A 443 -30.62 3.79 8.47
CA GLY A 443 -30.47 2.67 7.57
C GLY A 443 -31.59 2.65 6.54
N ARG A 444 -32.81 2.81 6.99
CA ARG A 444 -33.94 3.02 6.09
C ARG A 444 -33.90 4.24 5.16
N CYS A 445 -33.02 5.20 5.36
CA CYS A 445 -33.00 6.38 4.48
C CYS A 445 -32.04 6.19 3.33
N LEU A 446 -31.29 5.10 3.33
CA LEU A 446 -30.16 4.90 2.39
C LEU A 446 -30.61 4.16 1.15
N THR A 447 -30.17 4.61 -0.03
CA THR A 447 -30.38 3.81 -1.23
C THR A 447 -29.38 2.62 -1.23
N LEU A 448 -29.90 1.43 -1.00
CA LEU A 448 -29.07 0.26 -0.90
C LEU A 448 -29.26 -0.74 -2.08
N PRO A 449 -28.16 -1.15 -2.75
CA PRO A 449 -28.40 -2.06 -3.89
C PRO A 449 -28.92 -3.41 -3.42
N ALA A 450 -29.92 -3.95 -4.14
CA ALA A 450 -30.36 -5.36 -3.99
C ALA A 450 -29.26 -6.39 -4.37
N PHE A 451 -29.25 -7.50 -3.68
CA PHE A 451 -28.33 -8.56 -4.01
C PHE A 451 -28.36 -8.84 -5.51
N SER A 452 -29.54 -9.20 -5.98
CA SER A 452 -29.74 -9.54 -7.33
C SER A 452 -29.20 -8.46 -8.28
N THR A 453 -29.07 -7.21 -7.86
CA THR A 453 -28.55 -6.19 -8.79
C THR A 453 -27.03 -6.26 -8.74
N LEU A 454 -26.50 -6.48 -7.55
CA LEU A 454 -25.10 -6.72 -7.41
C LEU A 454 -24.63 -7.93 -8.22
N ARG A 455 -25.37 -9.04 -8.14
CA ARG A 455 -25.01 -10.20 -8.94
C ARG A 455 -25.01 -9.94 -10.43
N ARG A 456 -26.09 -9.29 -10.89
CA ARG A 456 -26.23 -8.99 -12.28
C ARG A 456 -25.07 -8.13 -12.69
N LYS A 457 -24.77 -7.08 -11.95
CA LYS A 457 -23.84 -6.12 -12.54
C LYS A 457 -22.45 -6.72 -12.65
N TRP A 458 -22.14 -7.54 -11.66
CA TRP A 458 -20.88 -8.28 -11.62
C TRP A 458 -20.78 -9.22 -12.82
N LEU A 459 -21.70 -10.19 -12.91
CA LEU A 459 -21.71 -11.02 -14.11
C LEU A 459 -21.60 -10.14 -15.33
N ASP A 460 -22.23 -8.98 -15.34
CA ASP A 460 -22.19 -8.20 -16.58
C ASP A 460 -20.88 -7.52 -16.80
N SER A 461 -20.04 -7.44 -15.77
CA SER A 461 -18.79 -6.66 -15.85
C SER A 461 -17.72 -7.35 -16.64
N PHE A 462 -17.75 -8.68 -16.65
CA PHE A 462 -16.75 -9.46 -17.38
C PHE A 462 -17.18 -9.68 -18.82
N HIS A 463 -17.84 -8.68 -19.38
CA HIS A 463 -18.31 -8.68 -20.74
C HIS A 463 -17.62 -7.64 -21.59
N HIS A 464 -17.01 -6.66 -20.97
CA HIS A 464 -16.40 -5.60 -21.75
C HIS A 464 -15.01 -5.19 -21.39
N HIS A 465 -14.21 -4.93 -22.42
CA HIS A 465 -12.94 -4.24 -22.31
C HIS A 465 -11.98 -5.38 -21.97
N HIS A 466 -10.89 -5.03 -21.26
CA HIS A 466 -9.76 -5.93 -21.04
C HIS A 466 -9.61 -6.56 -19.66
N HIS A 467 -9.15 -7.80 -19.62
CA HIS A 467 -8.82 -8.45 -18.36
C HIS A 467 -9.92 -8.49 -17.29
N1 45Z B . 2.62 10.54 -6.98
C1 45Z B . 1.80 10.38 -6.20
C2 45Z B . 1.01 10.16 -5.24
C3 45Z B . 0.13 11.15 -4.90
C4 45Z B . -0.73 10.88 -3.87
N2 45Z B . -1.61 11.86 -3.53
O1 45Z B . -1.96 12.63 -4.40
O2 45Z B . -2.01 11.95 -2.37
C5 45Z B . -0.73 9.67 -3.19
C6 45Z B . 0.16 8.67 -3.55
C7 45Z B . 1.03 8.94 -4.60
O3 45Z B . 1.93 7.97 -4.98
C8 45Z B . 1.63 7.18 -6.06
C9 45Z B . 1.39 7.83 -7.25
C10 45Z B . 1.06 7.11 -8.38
C11 45Z B . 1.00 5.73 -8.30
F 45Z B . 0.70 5.03 -9.38
C12 45Z B . 1.26 5.07 -7.11
C13 45Z B . 1.58 5.79 -5.98
O4 45Z B . 1.81 5.06 -4.81
C14 45Z B . 0.75 4.36 -4.24
C19 45Z B . 0.48 4.43 -2.87
C20 45Z B . 1.16 5.15 -2.03
N4 45Z B . 1.78 5.76 -1.25
C18 45Z B . -0.58 3.71 -2.36
C15 45Z B . -0.08 3.55 -5.08
C16 45Z B . -1.14 2.84 -4.56
C17 45Z B . -1.36 2.94 -3.20
N3 45Z B . -2.38 2.24 -2.63
O5 45Z B . -2.16 1.64 -1.57
O6 45Z B . -3.45 2.24 -3.20
S SO4 C . 2.50 -3.56 9.98
O1 SO4 C . 1.03 -3.60 9.81
O2 SO4 C . 3.19 -4.83 9.68
O3 SO4 C . 3.03 -2.46 9.18
O4 SO4 C . 2.73 -3.34 11.42
S SO4 D . -28.80 0.90 -6.85
O1 SO4 D . -30.07 1.57 -7.10
O2 SO4 D . -28.89 -0.55 -7.20
O3 SO4 D . -27.85 1.80 -7.52
O4 SO4 D . -28.51 0.97 -5.39
S SO4 E . -27.60 -17.26 -12.13
O1 SO4 E . -27.33 -16.65 -13.45
O2 SO4 E . -28.59 -18.33 -12.27
O3 SO4 E . -28.09 -16.28 -11.16
O4 SO4 E . -26.39 -17.84 -11.57
C1 GOL F . -5.31 -4.40 11.76
O1 GOL F . -5.04 -3.66 10.59
C2 GOL F . -4.50 -3.87 12.95
O2 GOL F . -5.28 -3.81 14.09
C3 GOL F . -3.32 -4.77 13.29
O3 GOL F . -3.85 -6.07 13.37
S SO4 G . -10.89 -2.86 9.21
O1 SO4 G . -11.43 -4.22 9.47
O2 SO4 G . -10.92 -2.40 7.82
O3 SO4 G . -9.52 -2.78 9.72
O4 SO4 G . -11.74 -1.92 9.94
C1 GOL H . -16.17 7.10 5.15
O1 GOL H . -17.12 8.09 5.47
C2 GOL H . -15.25 6.94 6.35
O2 GOL H . -15.63 7.88 7.31
C3 GOL H . -15.43 5.56 6.95
O3 GOL H . -14.78 5.48 8.20
C1 GOL I . -12.84 -3.35 5.33
O1 GOL I . -11.59 -3.96 5.62
C2 GOL I . -12.57 -1.97 4.71
O2 GOL I . -11.69 -2.12 3.60
C3 GOL I . -13.83 -1.19 4.34
O3 GOL I . -13.56 0.20 4.35
C1 GOL J . -21.77 -14.60 -19.76
O1 GOL J . -21.02 -15.78 -19.48
C2 GOL J . -21.88 -13.73 -18.51
O2 GOL J . -22.72 -14.30 -17.54
C3 GOL J . -20.51 -13.26 -17.96
O3 GOL J . -20.18 -13.98 -16.81
S SO4 K . -26.06 -18.19 0.54
O1 SO4 K . -25.89 -17.94 -0.90
O2 SO4 K . -27.35 -18.82 0.85
O3 SO4 K . -26.02 -16.88 1.20
O4 SO4 K . -25.00 -19.04 1.11
#